data_7D8L
#
_entry.id   7D8L
#
_cell.length_a   48.968
_cell.length_b   35.907
_cell.length_c   59.460
_cell.angle_alpha   90.000
_cell.angle_beta   111.710
_cell.angle_gamma   90.000
#
_symmetry.space_group_name_H-M   'P 1 21 1'
#
loop_
_entity.id
_entity.type
_entity.pdbx_description
1 polymer 'UPF0374 protein SA1684'
2 non-polymer "5'-GUANOSINE-DIPHOSPHATE-MONOTHIOPHOSPHATE"
3 non-polymer 'MAGNESIUM ION'
4 non-polymer GLYCEROL
5 water water
#
_entity_poly.entity_id   1
_entity_poly.type   'polypeptide(L)'
_entity_poly.pdbx_seq_one_letter_code
;MVRESIPKEGENIKIQSYKHDGKIHRVWSETTILKGTDHVVIGGNDHTLVTESDGRTWITREPAIVYFHSEYWFNVICMF
REDGIYYYCNLSSPFVCDEEALKYIDYDLDIKVYPNGKYHLLDEDEYEQHMNQMNYPHDIDIILRRNVDILQQWIEQKKG
PFAPDFIKVWKERYKKIRQY
;
_entity_poly.pdbx_strand_id   A
#
# COMPACT_ATOMS: atom_id res chain seq x y z
N SER A 5 -13.42 -13.30 5.05
CA SER A 5 -13.36 -12.50 3.78
C SER A 5 -11.90 -12.41 3.30
N ILE A 6 -11.16 -13.51 3.44
CA ILE A 6 -9.77 -13.67 2.90
C ILE A 6 -9.89 -13.83 1.40
N PRO A 7 -9.35 -12.87 0.60
CA PRO A 7 -9.43 -12.95 -0.85
C PRO A 7 -8.60 -14.15 -1.33
N LYS A 8 -9.01 -14.73 -2.45
CA LYS A 8 -8.51 -16.02 -2.96
C LYS A 8 -7.50 -15.74 -4.08
N GLU A 9 -6.45 -16.56 -4.15
CA GLU A 9 -5.51 -16.51 -5.28
C GLU A 9 -6.33 -16.51 -6.60
N GLY A 10 -6.04 -15.57 -7.51
CA GLY A 10 -6.68 -15.46 -8.82
C GLY A 10 -7.89 -14.54 -8.87
N GLU A 11 -8.49 -14.27 -7.71
CA GLU A 11 -9.56 -13.25 -7.54
C GLU A 11 -9.04 -11.84 -7.89
N ASN A 12 -9.95 -10.99 -8.31
N ASN A 12 -9.83 -11.05 -8.60
CA ASN A 12 -9.65 -9.63 -8.83
CA ASN A 12 -9.59 -9.60 -8.86
C ASN A 12 -10.37 -8.60 -7.96
C ASN A 12 -10.33 -8.79 -7.79
N ILE A 13 -9.63 -7.89 -7.10
CA ILE A 13 -10.24 -7.08 -6.00
C ILE A 13 -10.02 -5.59 -6.26
N LYS A 14 -10.93 -4.78 -5.75
CA LYS A 14 -10.78 -3.31 -5.68
C LYS A 14 -10.01 -2.99 -4.40
N ILE A 15 -9.27 -1.87 -4.38
CA ILE A 15 -8.54 -1.42 -3.17
C ILE A 15 -9.04 0.00 -2.92
N GLN A 16 -9.58 0.27 -1.75
CA GLN A 16 -10.12 1.61 -1.44
C GLN A 16 -9.39 2.22 -0.24
N SER A 17 -8.85 3.40 -0.46
CA SER A 17 -8.11 4.23 0.51
C SER A 17 -9.03 5.36 0.98
N TYR A 18 -9.24 5.49 2.30
CA TYR A 18 -10.09 6.51 2.93
C TYR A 18 -9.22 7.45 3.74
N LYS A 19 -9.73 8.64 4.00
CA LYS A 19 -9.20 9.49 5.08
C LYS A 19 -9.91 9.15 6.40
N HIS A 20 -9.35 9.63 7.53
CA HIS A 20 -9.88 9.37 8.89
C HIS A 20 -11.33 9.88 9.05
N ASP A 21 -11.76 10.87 8.26
CA ASP A 21 -13.16 11.42 8.30
C ASP A 21 -14.13 10.56 7.47
N GLY A 22 -13.68 9.48 6.83
CA GLY A 22 -14.57 8.54 6.14
C GLY A 22 -14.70 8.80 4.66
N LYS A 23 -14.07 9.87 4.17
CA LYS A 23 -14.14 10.25 2.74
C LYS A 23 -13.11 9.40 2.01
N ILE A 24 -13.44 9.03 0.77
CA ILE A 24 -12.55 8.22 -0.10
C ILE A 24 -11.42 9.15 -0.50
N HIS A 25 -10.22 8.60 -0.52
CA HIS A 25 -9.01 9.29 -1.01
C HIS A 25 -8.62 8.80 -2.39
N ARG A 26 -8.58 7.49 -2.59
CA ARG A 26 -8.01 6.87 -3.81
C ARG A 26 -8.59 5.47 -3.92
N VAL A 27 -8.88 5.05 -5.12
CA VAL A 27 -9.38 3.68 -5.40
C VAL A 27 -8.65 3.07 -6.60
N TRP A 28 -8.08 1.89 -6.45
CA TRP A 28 -7.53 1.07 -7.56
C TRP A 28 -8.53 -0.03 -7.95
N SER A 29 -9.00 0.00 -9.19
CA SER A 29 -10.14 -0.84 -9.62
C SER A 29 -9.81 -2.34 -9.66
N GLU A 30 -8.63 -2.78 -10.08
CA GLU A 30 -8.37 -4.21 -10.38
C GLU A 30 -6.97 -4.57 -9.91
N THR A 31 -6.91 -5.44 -8.93
CA THR A 31 -5.64 -6.06 -8.45
C THR A 31 -5.88 -7.57 -8.42
N THR A 32 -4.97 -8.35 -9.00
CA THR A 32 -5.10 -9.83 -8.97
C THR A 32 -4.41 -10.35 -7.70
N ILE A 33 -5.11 -11.10 -6.88
CA ILE A 33 -4.58 -11.70 -5.62
C ILE A 33 -3.54 -12.77 -5.96
N LEU A 34 -2.35 -12.63 -5.37
CA LEU A 34 -1.31 -13.68 -5.49
C LEU A 34 -1.22 -14.50 -4.22
N LYS A 35 -1.44 -13.89 -3.06
CA LYS A 35 -1.50 -14.61 -1.75
C LYS A 35 -2.51 -13.92 -0.85
N GLY A 36 -3.26 -14.73 -0.12
CA GLY A 36 -4.29 -14.26 0.82
C GLY A 36 -4.26 -15.10 2.08
N THR A 37 -3.84 -14.53 3.20
CA THR A 37 -3.87 -15.20 4.52
C THR A 37 -4.61 -14.30 5.51
N ASP A 38 -4.69 -14.73 6.77
CA ASP A 38 -5.37 -13.97 7.84
C ASP A 38 -4.55 -12.72 8.14
N HIS A 39 -3.25 -12.72 7.85
CA HIS A 39 -2.36 -11.57 8.20
C HIS A 39 -1.91 -10.76 6.99
N VAL A 40 -1.82 -11.37 5.81
CA VAL A 40 -1.09 -10.78 4.64
C VAL A 40 -1.92 -10.93 3.36
N VAL A 41 -2.00 -9.86 2.58
CA VAL A 41 -2.53 -9.95 1.20
C VAL A 41 -1.47 -9.42 0.23
N ILE A 42 -1.13 -10.20 -0.76
CA ILE A 42 -0.20 -9.81 -1.85
C ILE A 42 -0.98 -9.80 -3.16
N GLY A 43 -0.83 -8.76 -3.96
CA GLY A 43 -1.55 -8.62 -5.23
C GLY A 43 -0.67 -8.02 -6.30
N GLY A 44 -1.07 -8.15 -7.56
CA GLY A 44 -0.41 -7.53 -8.71
C GLY A 44 -1.41 -6.74 -9.49
N ASN A 45 -1.01 -5.58 -9.95
CA ASN A 45 -1.85 -4.81 -10.88
C ASN A 45 -1.03 -4.22 -12.01
N ASP A 46 -1.72 -3.93 -13.11
CA ASP A 46 -1.10 -3.45 -14.38
C ASP A 46 -2.23 -2.88 -15.22
N HIS A 47 -2.13 -1.64 -15.69
CA HIS A 47 -3.22 -1.00 -16.49
C HIS A 47 -4.53 -1.09 -15.69
N THR A 48 -4.47 -0.87 -14.38
CA THR A 48 -5.69 -0.72 -13.55
C THR A 48 -6.15 0.73 -13.62
N LEU A 49 -7.47 0.93 -13.61
CA LEU A 49 -7.99 2.29 -13.38
C LEU A 49 -7.64 2.70 -11.95
N VAL A 50 -7.49 3.99 -11.77
CA VAL A 50 -7.24 4.61 -10.45
C VAL A 50 -8.16 5.82 -10.43
N THR A 51 -8.89 6.01 -9.33
CA THR A 51 -9.85 7.11 -9.17
C THR A 51 -9.42 7.96 -7.97
N GLU A 52 -9.40 9.26 -8.19
CA GLU A 52 -9.03 10.29 -7.19
C GLU A 52 -10.30 10.79 -6.47
N SER A 53 -10.14 11.61 -5.44
CA SER A 53 -11.24 12.08 -4.56
C SER A 53 -12.17 13.04 -5.33
N ASP A 54 -11.75 13.61 -6.46
CA ASP A 54 -12.60 14.46 -7.33
C ASP A 54 -13.28 13.63 -8.43
N GLY A 55 -13.10 12.30 -8.45
CA GLY A 55 -13.70 11.40 -9.46
C GLY A 55 -12.80 11.14 -10.67
N ARG A 56 -11.76 11.95 -10.87
CA ARG A 56 -10.85 11.83 -12.02
C ARG A 56 -10.26 10.42 -12.04
N THR A 57 -10.13 9.87 -13.23
CA THR A 57 -9.60 8.52 -13.49
C THR A 57 -8.29 8.63 -14.26
N TRP A 58 -7.34 7.81 -13.85
CA TRP A 58 -6.08 7.57 -14.62
C TRP A 58 -5.80 6.07 -14.69
N ILE A 59 -4.89 5.69 -15.56
CA ILE A 59 -4.61 4.24 -15.77
C ILE A 59 -3.13 4.02 -15.45
N THR A 60 -2.82 3.01 -14.65
CA THR A 60 -1.39 2.64 -14.38
C THR A 60 -0.77 2.08 -15.67
N ARG A 61 0.48 2.43 -15.91
CA ARG A 61 1.18 2.13 -17.19
C ARG A 61 2.13 0.95 -16.99
N GLU A 62 2.50 0.64 -15.74
CA GLU A 62 3.53 -0.39 -15.46
C GLU A 62 3.03 -1.33 -14.38
N PRO A 63 3.50 -2.58 -14.31
CA PRO A 63 3.02 -3.46 -13.25
C PRO A 63 3.55 -3.03 -11.88
N ALA A 64 2.79 -3.37 -10.85
CA ALA A 64 3.17 -3.21 -9.43
C ALA A 64 2.73 -4.41 -8.60
N ILE A 65 3.47 -4.73 -7.53
CA ILE A 65 3.06 -5.72 -6.51
C ILE A 65 2.63 -4.90 -5.30
N VAL A 66 1.51 -5.25 -4.67
CA VAL A 66 1.02 -4.58 -3.45
C VAL A 66 1.03 -5.55 -2.27
N TYR A 67 1.34 -5.02 -1.10
CA TYR A 67 1.52 -5.80 0.14
C TYR A 67 0.75 -5.12 1.27
N PHE A 68 -0.14 -5.87 1.89
CA PHE A 68 -1.07 -5.45 2.95
C PHE A 68 -0.89 -6.33 4.17
N HIS A 69 -0.85 -5.74 5.35
CA HIS A 69 -0.69 -6.43 6.65
C HIS A 69 -1.84 -6.07 7.60
N SER A 70 -2.38 -7.09 8.29
CA SER A 70 -3.51 -6.93 9.24
C SER A 70 -3.02 -6.43 10.61
N GLU A 71 -1.72 -6.48 10.90
CA GLU A 71 -1.11 -6.09 12.21
C GLU A 71 -0.09 -4.95 12.07
N TYR A 72 0.19 -4.40 10.88
CA TYR A 72 1.08 -3.22 10.81
C TYR A 72 0.28 -2.09 10.18
N TRP A 73 0.59 -0.88 10.64
CA TRP A 73 -0.05 0.36 10.17
C TRP A 73 0.74 0.93 8.99
N PHE A 74 0.93 0.09 7.98
CA PHE A 74 1.48 0.54 6.67
C PHE A 74 1.12 -0.46 5.60
N ASN A 75 1.19 0.02 4.36
CA ASN A 75 1.11 -0.91 3.21
C ASN A 75 2.08 -0.41 2.16
N VAL A 76 2.39 -1.29 1.23
CA VAL A 76 3.54 -1.04 0.31
C VAL A 76 3.13 -1.32 -1.12
N ILE A 77 3.51 -0.40 -2.01
CA ILE A 77 3.38 -0.59 -3.46
C ILE A 77 4.79 -0.70 -4.05
N CYS A 78 5.06 -1.84 -4.69
CA CYS A 78 6.32 -2.12 -5.37
C CYS A 78 6.13 -1.91 -6.88
N MET A 79 6.71 -0.86 -7.44
CA MET A 79 6.49 -0.41 -8.84
C MET A 79 7.69 -0.81 -9.70
N PHE A 80 7.44 -1.52 -10.79
CA PHE A 80 8.47 -2.00 -11.74
C PHE A 80 8.64 -0.95 -12.85
N ARG A 81 9.62 -0.06 -12.66
CA ARG A 81 10.00 0.99 -13.62
C ARG A 81 11.31 0.60 -14.33
N GLU A 82 11.65 1.29 -15.42
CA GLU A 82 12.73 0.93 -16.38
C GLU A 82 14.08 0.80 -15.66
N ASP A 83 14.37 1.73 -14.74
CA ASP A 83 15.66 1.82 -14.05
C ASP A 83 15.64 0.96 -12.77
N GLY A 84 14.46 0.46 -12.37
CA GLY A 84 14.35 -0.62 -11.38
C GLY A 84 13.17 -0.41 -10.46
N ILE A 85 13.20 -1.10 -9.30
CA ILE A 85 12.05 -1.23 -8.36
C ILE A 85 12.01 0.00 -7.46
N TYR A 86 10.93 0.75 -7.55
CA TYR A 86 10.61 1.81 -6.57
C TYR A 86 9.58 1.24 -5.62
N TYR A 87 9.65 1.66 -4.36
CA TYR A 87 8.55 1.35 -3.39
C TYR A 87 7.88 2.64 -2.99
N TYR A 88 6.59 2.62 -2.81
CA TYR A 88 5.81 3.71 -2.22
C TYR A 88 5.01 3.09 -1.07
N CYS A 89 5.27 3.60 0.13
CA CYS A 89 4.76 3.04 1.40
C CYS A 89 3.77 4.00 2.03
N ASN A 90 2.55 3.55 2.31
CA ASN A 90 1.53 4.39 2.98
C ASN A 90 1.53 4.06 4.46
N LEU A 91 1.67 5.10 5.31
CA LEU A 91 1.28 4.91 6.74
C LEU A 91 -0.24 4.85 6.73
N SER A 92 -0.82 3.89 7.43
CA SER A 92 -2.24 3.57 7.19
C SER A 92 -2.75 2.83 8.41
N SER A 93 -4.05 2.67 8.50
CA SER A 93 -4.59 1.60 9.35
C SER A 93 -4.23 0.27 8.69
N PRO A 94 -4.20 -0.84 9.43
CA PRO A 94 -4.21 -2.16 8.80
C PRO A 94 -5.46 -2.31 7.94
N PHE A 95 -5.46 -3.31 7.07
CA PHE A 95 -6.54 -3.45 6.08
C PHE A 95 -7.66 -4.28 6.69
N VAL A 96 -8.81 -4.19 6.05
CA VAL A 96 -9.94 -5.14 6.23
C VAL A 96 -10.43 -5.42 4.83
N CYS A 97 -10.82 -6.65 4.55
CA CYS A 97 -11.32 -7.02 3.21
C CYS A 97 -12.78 -7.43 3.38
N ASP A 98 -13.66 -6.99 2.48
CA ASP A 98 -15.03 -7.57 2.35
C ASP A 98 -15.32 -7.81 0.87
N GLU A 99 -16.56 -8.22 0.54
CA GLU A 99 -16.95 -8.57 -0.85
C GLU A 99 -16.78 -7.34 -1.76
N GLU A 100 -16.83 -6.11 -1.22
CA GLU A 100 -16.70 -4.86 -1.99
C GLU A 100 -15.24 -4.57 -2.35
N ALA A 101 -14.35 -4.55 -1.37
CA ALA A 101 -12.94 -4.14 -1.56
C ALA A 101 -12.07 -4.57 -0.37
N LEU A 102 -10.76 -4.44 -0.60
CA LEU A 102 -9.77 -4.29 0.49
C LEU A 102 -9.68 -2.81 0.78
N LYS A 103 -9.77 -2.48 2.06
CA LYS A 103 -10.02 -1.10 2.54
C LYS A 103 -8.98 -0.73 3.60
N TYR A 104 -8.48 0.51 3.58
CA TYR A 104 -7.62 0.98 4.65
C TYR A 104 -7.80 2.48 4.79
N ILE A 105 -7.42 2.99 5.94
CA ILE A 105 -7.37 4.46 6.20
C ILE A 105 -5.96 4.95 5.88
N ASP A 106 -5.88 5.94 4.99
CA ASP A 106 -4.61 6.59 4.61
C ASP A 106 -4.27 7.68 5.63
N TYR A 107 -3.08 7.62 6.27
CA TYR A 107 -2.68 8.55 7.36
C TYR A 107 -1.53 9.47 6.94
N ASP A 108 -1.62 9.93 5.69
CA ASP A 108 -0.87 11.10 5.16
C ASP A 108 0.61 10.78 4.92
N LEU A 109 1.36 10.46 5.99
CA LEU A 109 2.79 10.14 5.92
C LEU A 109 3.02 9.04 4.90
N ASP A 110 4.07 9.14 4.08
CA ASP A 110 4.43 8.05 3.15
C ASP A 110 5.95 8.04 3.01
N ILE A 111 6.45 6.90 2.57
CA ILE A 111 7.91 6.67 2.39
C ILE A 111 8.15 6.21 0.97
N LYS A 112 8.98 6.95 0.24
CA LYS A 112 9.48 6.58 -1.11
C LYS A 112 10.80 5.85 -0.91
N VAL A 113 10.94 4.68 -1.53
CA VAL A 113 12.23 3.92 -1.58
C VAL A 113 12.72 3.92 -3.03
N TYR A 114 13.91 4.46 -3.29
CA TYR A 114 14.56 4.47 -4.62
C TYR A 114 15.15 3.10 -4.92
N PRO A 115 15.48 2.82 -6.20
CA PRO A 115 15.99 1.48 -6.54
C PRO A 115 17.26 1.04 -5.77
N ASN A 116 18.06 1.94 -5.29
CA ASN A 116 19.28 1.53 -4.55
C ASN A 116 18.99 1.38 -3.07
N GLY A 117 17.76 1.61 -2.63
CA GLY A 117 17.30 1.21 -1.28
C GLY A 117 17.14 2.41 -0.35
N LYS A 118 17.69 3.55 -0.72
CA LYS A 118 17.57 4.79 0.08
C LYS A 118 16.10 5.19 0.20
N TYR A 119 15.68 5.71 1.35
CA TYR A 119 14.27 6.11 1.61
C TYR A 119 14.17 7.60 1.97
N HIS A 120 13.04 8.18 1.58
CA HIS A 120 12.63 9.56 1.95
C HIS A 120 11.27 9.51 2.63
N LEU A 121 11.17 10.16 3.78
CA LEU A 121 9.92 10.30 4.54
C LEU A 121 9.20 11.53 3.99
N LEU A 122 7.94 11.36 3.56
CA LEU A 122 7.12 12.36 2.81
C LEU A 122 5.91 12.80 3.63
N ASP A 123 5.48 14.05 3.42
CA ASP A 123 4.14 14.56 3.88
C ASP A 123 4.04 14.72 5.40
N GLU A 124 5.15 15.03 6.10
CA GLU A 124 5.12 15.33 7.56
C GLU A 124 4.25 16.58 7.76
N ASP A 125 4.33 17.54 6.86
CA ASP A 125 3.54 18.80 6.93
C ASP A 125 2.05 18.52 6.71
N GLU A 126 1.73 17.67 5.76
CA GLU A 126 0.34 17.27 5.43
C GLU A 126 -0.25 16.48 6.59
N TYR A 127 0.59 15.63 7.17
CA TYR A 127 0.19 14.88 8.39
C TYR A 127 -0.17 15.86 9.52
N GLU A 128 0.64 16.86 9.79
CA GLU A 128 0.33 17.73 10.95
C GLU A 128 -0.98 18.51 10.68
N GLN A 129 -1.18 19.01 9.47
CA GLN A 129 -2.41 19.76 9.12
C GLN A 129 -3.62 18.82 9.23
N HIS A 130 -3.57 17.59 8.68
CA HIS A 130 -4.73 16.67 8.64
C HIS A 130 -5.02 16.16 10.05
N MET A 131 -3.97 15.88 10.83
CA MET A 131 -4.14 15.46 12.24
C MET A 131 -4.94 16.52 13.02
N ASN A 132 -4.67 17.79 12.81
CA ASN A 132 -5.41 18.89 13.51
C ASN A 132 -6.82 19.04 12.92
N GLN A 133 -6.98 19.01 11.59
CA GLN A 133 -8.31 19.19 10.90
C GLN A 133 -9.27 18.06 11.30
N MET A 134 -8.81 16.81 11.28
CA MET A 134 -9.65 15.60 11.51
C MET A 134 -9.53 15.05 12.95
N ASN A 135 -8.71 15.68 13.79
CA ASN A 135 -8.57 15.40 15.24
C ASN A 135 -8.21 13.94 15.46
N TYR A 136 -7.04 13.51 14.94
CA TYR A 136 -6.57 12.12 15.16
C TYR A 136 -6.34 11.97 16.65
N PRO A 137 -6.84 10.90 17.27
CA PRO A 137 -6.53 10.65 18.68
C PRO A 137 -5.03 10.51 18.95
N HIS A 138 -4.61 10.82 20.19
CA HIS A 138 -3.22 10.67 20.65
C HIS A 138 -2.71 9.26 20.36
N ASP A 139 -3.48 8.20 20.61
CA ASP A 139 -2.89 6.84 20.39
C ASP A 139 -2.58 6.64 18.91
N ILE A 140 -3.40 7.11 17.98
CA ILE A 140 -3.07 7.00 16.53
C ILE A 140 -1.74 7.68 16.21
N ASP A 141 -1.49 8.85 16.79
CA ASP A 141 -0.25 9.61 16.50
C ASP A 141 0.93 8.77 17.03
N ILE A 142 0.78 8.16 18.19
CA ILE A 142 1.85 7.31 18.75
C ILE A 142 2.05 6.10 17.85
N ILE A 143 0.98 5.45 17.45
CA ILE A 143 1.09 4.21 16.62
C ILE A 143 1.76 4.59 15.29
N LEU A 144 1.34 5.69 14.67
CA LEU A 144 1.82 6.02 13.32
C LEU A 144 3.31 6.34 13.44
N ARG A 145 3.73 7.11 14.46
CA ARG A 145 5.17 7.48 14.62
C ARG A 145 5.98 6.20 14.83
N ARG A 146 5.44 5.26 15.59
CA ARG A 146 6.15 4.00 15.83
C ARG A 146 6.28 3.23 14.50
N ASN A 147 5.23 3.25 13.71
CA ASN A 147 5.20 2.44 12.48
C ASN A 147 6.07 3.08 11.38
N VAL A 148 6.28 4.39 11.41
CA VAL A 148 7.32 5.02 10.57
C VAL A 148 8.66 4.33 10.91
N ASP A 149 8.98 4.20 12.20
CA ASP A 149 10.29 3.64 12.62
C ASP A 149 10.37 2.19 12.15
N ILE A 150 9.34 1.38 12.42
CA ILE A 150 9.26 -0.06 12.01
C ILE A 150 9.47 -0.13 10.49
N LEU A 151 8.78 0.70 9.70
CA LEU A 151 8.83 0.60 8.24
C LEU A 151 10.26 0.87 7.76
N GLN A 152 10.89 1.89 8.29
CA GLN A 152 12.31 2.21 8.03
C GLN A 152 13.22 1.05 8.43
N GLN A 153 12.99 0.41 9.57
CA GLN A 153 13.81 -0.74 10.00
C GLN A 153 13.60 -1.86 8.97
N TRP A 154 12.38 -2.06 8.48
CA TRP A 154 12.13 -3.12 7.48
C TRP A 154 12.89 -2.85 6.17
N ILE A 155 12.92 -1.58 5.77
CA ILE A 155 13.62 -1.19 4.52
C ILE A 155 15.11 -1.48 4.70
N GLU A 156 15.68 -1.09 5.85
CA GLU A 156 17.10 -1.28 6.16
C GLU A 156 17.43 -2.77 6.26
N GLN A 157 16.49 -3.61 6.71
CA GLN A 157 16.74 -5.08 6.81
C GLN A 157 16.43 -5.78 5.49
N LYS A 158 15.80 -5.10 4.52
CA LYS A 158 15.28 -5.77 3.30
C LYS A 158 14.41 -6.97 3.72
N LYS A 159 13.42 -6.69 4.57
CA LYS A 159 12.41 -7.63 5.15
C LYS A 159 11.09 -7.51 4.39
N GLY A 160 10.26 -8.55 4.47
CA GLY A 160 8.90 -8.48 3.91
C GLY A 160 9.00 -8.11 2.45
N PRO A 161 8.29 -7.08 1.95
CA PRO A 161 8.31 -6.78 0.51
C PRO A 161 9.61 -6.15 0.00
N PHE A 162 10.48 -5.69 0.93
CA PHE A 162 11.79 -5.09 0.61
C PHE A 162 12.86 -6.16 0.36
N ALA A 163 12.52 -7.44 0.53
CA ALA A 163 13.41 -8.59 0.24
C ALA A 163 13.54 -8.83 -1.26
N PRO A 164 14.76 -8.85 -1.85
CA PRO A 164 14.91 -9.19 -3.26
C PRO A 164 14.24 -10.54 -3.60
N ASP A 165 14.28 -11.54 -2.71
CA ASP A 165 13.66 -12.86 -2.98
C ASP A 165 12.13 -12.68 -3.02
N PHE A 166 11.57 -11.76 -2.22
CA PHE A 166 10.11 -11.47 -2.27
C PHE A 166 9.73 -10.96 -3.66
N ILE A 167 10.48 -10.00 -4.19
CA ILE A 167 10.26 -9.46 -5.57
C ILE A 167 10.45 -10.58 -6.61
N LYS A 168 11.48 -11.39 -6.51
CA LYS A 168 11.71 -12.43 -7.53
C LYS A 168 10.52 -13.38 -7.54
N VAL A 169 10.10 -13.88 -6.38
CA VAL A 169 8.95 -14.83 -6.33
C VAL A 169 7.68 -14.17 -6.86
N TRP A 170 7.30 -13.00 -6.37
CA TRP A 170 5.93 -12.46 -6.62
C TRP A 170 5.90 -11.79 -7.99
N LYS A 171 7.01 -11.22 -8.46
CA LYS A 171 7.04 -10.64 -9.83
C LYS A 171 6.75 -11.74 -10.87
N GLU A 172 7.35 -12.92 -10.68
CA GLU A 172 7.21 -14.06 -11.62
C GLU A 172 5.81 -14.63 -11.53
N ARG A 173 5.33 -14.79 -10.32
CA ARG A 173 3.97 -15.33 -10.08
C ARG A 173 2.96 -14.41 -10.77
N TYR A 174 3.14 -13.11 -10.68
CA TYR A 174 2.21 -12.14 -11.29
C TYR A 174 2.35 -12.17 -12.82
N LYS A 175 3.58 -12.19 -13.37
CA LYS A 175 3.77 -12.28 -14.85
C LYS A 175 2.99 -13.49 -15.37
N LYS A 176 3.02 -14.62 -14.65
CA LYS A 176 2.46 -15.90 -15.17
C LYS A 176 0.93 -15.85 -15.16
N ILE A 177 0.33 -15.43 -14.05
CA ILE A 177 -1.15 -15.39 -13.88
C ILE A 177 -1.72 -14.27 -14.78
N ARG A 178 -0.91 -13.26 -15.15
CA ARG A 178 -1.36 -12.17 -16.07
C ARG A 178 -0.88 -12.51 -17.48
#